data_3OJ7
#
_entry.id   3OJ7
#
_cell.length_a   52.890
_cell.length_b   61.030
_cell.length_c   67.310
_cell.angle_alpha   90.00
_cell.angle_beta   90.00
_cell.angle_gamma   90.00
#
_symmetry.space_group_name_H-M   'C 2 2 21'
#
loop_
_entity.id
_entity.type
_entity.pdbx_description
1 polymer 'Putative histidine triad family protein'
2 non-polymer 'ZINC ION'
3 non-polymer 'SULFATE ION'
4 water water
#
_entity_poly.entity_id   1
_entity_poly.type   'polypeptide(L)'
_entity_poly.pdbx_seq_one_letter_code
;GPGSMADSCIFCKIAQKQIPSTIVYEDDEIFAFKDINPIAPIHILVIPKQHIASLNEITEENEAFIGKVLYKVSLIGKKE
CPEGYRVVNNIGEDAGQTVKHIHFHILGGKKLAWDKL
;
_entity_poly.pdbx_strand_id   A
#
loop_
_chem_comp.id
_chem_comp.type
_chem_comp.name
_chem_comp.formula
SO4 non-polymer 'SULFATE ION' 'O4 S -2'
ZN non-polymer 'ZINC ION' 'Zn 2'
#
# COMPACT_ATOMS: atom_id res chain seq x y z
N CYS A 9 -5.65 -11.48 -10.67
CA CYS A 9 -5.37 -10.25 -9.88
C CYS A 9 -3.93 -9.77 -10.07
N ILE A 10 -3.81 -8.53 -10.54
CA ILE A 10 -2.51 -7.99 -10.89
C ILE A 10 -1.64 -7.88 -9.61
N PHE A 11 -2.26 -7.57 -8.47
CA PHE A 11 -1.47 -7.42 -7.23
C PHE A 11 -1.01 -8.75 -6.62
N CYS A 12 -1.82 -9.80 -6.73
CA CYS A 12 -1.32 -11.13 -6.37
C CYS A 12 -0.15 -11.53 -7.27
N LYS A 13 -0.23 -11.25 -8.57
CA LYS A 13 0.87 -11.57 -9.47
C LYS A 13 2.14 -10.76 -9.22
N ILE A 14 1.98 -9.47 -8.89
CA ILE A 14 3.13 -8.65 -8.52
CA ILE A 14 3.14 -8.66 -8.52
C ILE A 14 3.80 -9.21 -7.26
N ALA A 15 2.98 -9.51 -6.24
CA ALA A 15 3.47 -10.06 -4.96
C ALA A 15 4.24 -11.37 -5.10
N GLN A 16 3.91 -12.13 -6.14
CA GLN A 16 4.59 -13.41 -6.37
CA GLN A 16 4.50 -13.44 -6.46
C GLN A 16 5.67 -13.29 -7.44
N LYS A 17 5.95 -12.05 -7.85
CA LYS A 17 7.01 -11.71 -8.83
C LYS A 17 6.79 -12.28 -10.23
N GLN A 18 5.54 -12.54 -10.56
CA GLN A 18 5.13 -12.93 -11.91
C GLN A 18 5.00 -11.75 -12.85
N ILE A 19 4.76 -10.59 -12.28
CA ILE A 19 4.75 -9.32 -13.01
C ILE A 19 5.85 -8.51 -12.33
N PRO A 20 6.80 -7.94 -13.10
CA PRO A 20 7.93 -7.20 -12.54
C PRO A 20 7.50 -5.95 -11.76
N SER A 21 8.25 -5.61 -10.71
CA SER A 21 8.08 -4.31 -10.03
C SER A 21 9.40 -3.89 -9.40
N THR A 22 9.49 -2.63 -8.99
CA THR A 22 10.66 -2.16 -8.29
C THR A 22 10.39 -2.34 -6.80
N ILE A 23 11.02 -3.32 -6.20
CA ILE A 23 10.71 -3.76 -4.84
C ILE A 23 11.39 -2.84 -3.82
N VAL A 24 10.62 -2.35 -2.87
CA VAL A 24 11.12 -1.57 -1.75
C VAL A 24 11.38 -2.45 -0.53
N TYR A 25 10.46 -3.38 -0.27
CA TYR A 25 10.56 -4.29 0.87
C TYR A 25 9.65 -5.47 0.65
N GLU A 26 10.05 -6.63 1.13
CA GLU A 26 9.25 -7.85 1.00
C GLU A 26 9.48 -8.71 2.24
N ASP A 27 8.44 -9.33 2.76
CA ASP A 27 8.61 -10.38 3.81
C ASP A 27 7.56 -11.50 3.63
N ASP A 28 7.43 -12.41 4.58
CA ASP A 28 6.52 -13.55 4.41
C ASP A 28 5.06 -13.10 4.22
N GLU A 29 4.71 -11.93 4.75
CA GLU A 29 3.33 -11.42 4.78
C GLU A 29 3.02 -10.28 3.84
N ILE A 30 3.98 -9.43 3.51
CA ILE A 30 3.71 -8.19 2.75
C ILE A 30 4.71 -7.99 1.62
N PHE A 31 4.33 -7.14 0.68
CA PHE A 31 5.16 -6.83 -0.47
C PHE A 31 4.98 -5.34 -0.74
N ALA A 32 6.05 -4.60 -0.93
CA ALA A 32 6.02 -3.16 -1.16
C ALA A 32 6.86 -2.79 -2.34
N PHE A 33 6.30 -1.94 -3.19
CA PHE A 33 6.90 -1.65 -4.46
C PHE A 33 6.58 -0.20 -4.86
N LYS A 34 7.40 0.37 -5.74
CA LYS A 34 7.16 1.72 -6.22
C LYS A 34 5.94 1.81 -7.14
N ASP A 35 5.13 2.83 -6.95
CA ASP A 35 4.00 3.11 -7.81
C ASP A 35 4.52 3.69 -9.11
N ILE A 36 4.12 3.11 -10.23
CA ILE A 36 4.66 3.57 -11.53
C ILE A 36 4.02 4.85 -12.06
N ASN A 37 2.91 5.27 -11.48
CA ASN A 37 2.31 6.57 -11.78
C ASN A 37 2.25 7.44 -10.53
N PRO A 38 3.42 7.87 -10.05
CA PRO A 38 3.42 8.49 -8.71
C PRO A 38 2.79 9.87 -8.65
N ILE A 39 2.19 10.20 -7.53
CA ILE A 39 1.65 11.53 -7.28
C ILE A 39 2.49 12.29 -6.25
N ALA A 40 3.56 11.68 -5.77
CA ALA A 40 4.50 12.31 -4.83
C ALA A 40 5.90 11.76 -5.15
N PRO A 41 6.97 12.44 -4.72
CA PRO A 41 8.30 11.98 -5.07
C PRO A 41 8.69 10.64 -4.47
N ILE A 42 8.10 10.32 -3.32
CA ILE A 42 8.11 8.97 -2.77
C ILE A 42 6.64 8.52 -2.78
N HIS A 43 6.38 7.44 -3.50
CA HIS A 43 5.06 6.87 -3.67
C HIS A 43 5.19 5.35 -3.75
N ILE A 44 4.89 4.68 -2.62
CA ILE A 44 5.12 3.24 -2.45
C ILE A 44 3.78 2.58 -2.22
N LEU A 45 3.53 1.45 -2.84
CA LEU A 45 2.35 0.63 -2.60
C LEU A 45 2.75 -0.54 -1.70
N VAL A 46 1.94 -0.80 -0.68
CA VAL A 46 2.15 -1.89 0.26
C VAL A 46 0.94 -2.80 0.24
N ILE A 47 1.16 -4.07 -0.07
CA ILE A 47 0.06 -5.03 -0.17
C ILE A 47 0.29 -6.24 0.72
N PRO A 48 -0.73 -6.80 1.34
CA PRO A 48 -0.59 -8.14 1.87
C PRO A 48 -0.38 -9.13 0.74
N LYS A 49 0.42 -10.18 0.95
CA LYS A 49 0.50 -11.20 -0.08
C LYS A 49 -0.83 -11.96 -0.20
N GLN A 50 -1.54 -12.14 0.91
CA GLN A 50 -2.88 -12.73 0.90
C GLN A 50 -3.87 -11.80 0.21
N HIS A 51 -4.73 -12.38 -0.64
CA HIS A 51 -5.78 -11.62 -1.31
C HIS A 51 -6.96 -11.26 -0.40
N ILE A 52 -7.11 -9.95 -0.11
CA ILE A 52 -8.27 -9.39 0.59
C ILE A 52 -8.68 -8.24 -0.33
N ALA A 53 -9.94 -8.17 -0.74
CA ALA A 53 -10.32 -7.27 -1.84
C ALA A 53 -10.22 -5.76 -1.54
N SER A 54 -10.56 -5.35 -0.32
CA SER A 54 -10.65 -3.95 0.07
C SER A 54 -10.79 -3.87 1.56
N LEU A 55 -10.74 -2.67 2.10
CA LEU A 55 -10.96 -2.50 3.51
C LEU A 55 -12.36 -2.94 3.95
N ASN A 56 -13.35 -2.97 3.05
CA ASN A 56 -14.66 -3.43 3.43
C ASN A 56 -14.71 -4.94 3.69
N GLU A 57 -13.61 -5.66 3.44
CA GLU A 57 -13.51 -7.07 3.77
C GLU A 57 -12.73 -7.31 5.05
N ILE A 58 -12.45 -6.28 5.83
CA ILE A 58 -11.90 -6.45 7.17
C ILE A 58 -13.06 -6.96 8.02
N THR A 59 -12.78 -7.96 8.85
CA THR A 59 -13.76 -8.57 9.78
C THR A 59 -13.10 -8.56 11.16
N GLU A 60 -13.87 -8.90 12.21
CA GLU A 60 -13.26 -9.03 13.54
C GLU A 60 -12.19 -10.15 13.56
N GLU A 61 -12.35 -11.14 12.69
CA GLU A 61 -11.43 -12.27 12.61
C GLU A 61 -10.08 -11.95 11.93
N ASN A 62 -10.02 -10.94 11.05
CA ASN A 62 -8.75 -10.57 10.42
C ASN A 62 -8.27 -9.18 10.83
N GLU A 63 -8.92 -8.55 11.80
CA GLU A 63 -8.51 -7.19 12.17
C GLU A 63 -7.11 -7.19 12.78
N ALA A 64 -6.66 -8.24 13.47
CA ALA A 64 -5.33 -8.25 14.05
C ALA A 64 -4.29 -8.33 12.92
N PHE A 65 -4.56 -9.11 11.89
CA PHE A 65 -3.67 -9.17 10.72
C PHE A 65 -3.60 -7.81 10.01
N ILE A 66 -4.72 -7.15 9.80
CA ILE A 66 -4.66 -5.84 9.15
C ILE A 66 -3.91 -4.80 10.03
N GLY A 67 -3.99 -4.92 11.35
CA GLY A 67 -3.18 -4.10 12.27
C GLY A 67 -1.69 -4.35 12.05
N LYS A 68 -1.30 -5.60 11.89
CA LYS A 68 0.09 -5.95 11.59
C LYS A 68 0.53 -5.36 10.25
N VAL A 69 -0.33 -5.40 9.26
CA VAL A 69 0.00 -4.78 7.96
C VAL A 69 0.23 -3.29 8.17
N LEU A 70 -0.66 -2.61 8.92
CA LEU A 70 -0.52 -1.19 9.14
C LEU A 70 0.75 -0.89 9.94
N TYR A 71 1.14 -1.73 10.89
CA TYR A 71 2.43 -1.58 11.59
C TYR A 71 3.58 -1.64 10.60
N LYS A 72 3.57 -2.62 9.71
CA LYS A 72 4.65 -2.73 8.73
C LYS A 72 4.66 -1.54 7.75
N VAL A 73 3.49 -1.02 7.38
CA VAL A 73 3.39 0.24 6.63
C VAL A 73 4.15 1.35 7.35
N SER A 74 3.93 1.47 8.66
CA SER A 74 4.58 2.53 9.44
C SER A 74 6.09 2.35 9.48
N LEU A 75 6.58 1.11 9.50
CA LEU A 75 8.03 0.83 9.50
C LEU A 75 8.65 1.25 8.17
N ILE A 76 7.97 0.99 7.06
CA ILE A 76 8.43 1.42 5.75
C ILE A 76 8.40 2.96 5.66
N GLY A 77 7.28 3.54 6.10
CA GLY A 77 7.12 5.00 6.04
C GLY A 77 8.17 5.75 6.85
N LYS A 78 8.41 5.33 8.07
CA LYS A 78 9.38 6.09 8.92
C LYS A 78 10.80 5.91 8.38
N LYS A 79 11.11 4.81 7.72
CA LYS A 79 12.45 4.60 7.12
C LYS A 79 12.62 5.43 5.85
N GLU A 80 11.65 5.32 4.94
CA GLU A 80 11.73 5.99 3.65
C GLU A 80 11.44 7.47 3.73
N CYS A 81 10.65 7.90 4.72
CA CYS A 81 10.15 9.27 4.81
C CYS A 81 10.31 9.84 6.23
N PRO A 82 11.55 10.03 6.67
CA PRO A 82 11.82 10.52 8.03
C PRO A 82 11.23 11.90 8.32
N GLU A 83 10.91 12.68 7.28
CA GLU A 83 10.30 13.99 7.42
CA GLU A 83 10.31 13.98 7.54
C GLU A 83 8.78 13.97 7.48
N GLY A 84 8.19 12.78 7.33
CA GLY A 84 6.74 12.60 7.38
C GLY A 84 6.18 11.97 6.13
N TYR A 85 5.03 11.34 6.29
CA TYR A 85 4.42 10.60 5.18
C TYR A 85 2.90 10.50 5.41
N ARG A 86 2.19 10.29 4.31
CA ARG A 86 0.76 10.12 4.33
C ARG A 86 0.43 8.70 3.89
N VAL A 87 -0.50 8.05 4.57
CA VAL A 87 -1.01 6.72 4.19
C VAL A 87 -2.43 6.85 3.68
N VAL A 88 -2.70 6.29 2.50
CA VAL A 88 -4.02 6.35 1.86
C VAL A 88 -4.48 4.96 1.49
N ASN A 89 -5.76 4.68 1.71
CA ASN A 89 -6.40 3.48 1.21
C ASN A 89 -7.70 3.89 0.53
N ASN A 90 -7.93 3.38 -0.67
CA ASN A 90 -9.14 3.65 -1.46
C ASN A 90 -10.08 2.46 -1.47
N ILE A 91 -11.35 2.71 -1.12
CA ILE A 91 -12.40 1.71 -1.15
C ILE A 91 -13.47 2.09 -2.17
N GLY A 92 -13.59 1.25 -3.22
CA GLY A 92 -14.70 1.41 -4.18
C GLY A 92 -14.64 2.55 -5.15
N GLU A 93 -15.79 2.79 -5.79
CA GLU A 93 -15.80 3.59 -6.98
C GLU A 93 -15.52 5.05 -6.73
N ASP A 94 -16.16 5.64 -5.76
CA ASP A 94 -15.93 7.07 -5.51
C ASP A 94 -14.48 7.39 -5.10
N ALA A 95 -13.78 6.43 -4.51
CA ALA A 95 -12.39 6.63 -4.15
C ALA A 95 -11.40 6.32 -5.23
N GLY A 96 -11.89 5.74 -6.32
CA GLY A 96 -11.07 5.42 -7.48
C GLY A 96 -10.32 4.12 -7.34
N GLN A 97 -10.76 3.19 -6.49
CA GLN A 97 -10.02 1.96 -6.31
C GLN A 97 -9.97 1.24 -7.66
N THR A 98 -8.77 0.98 -8.16
CA THR A 98 -8.57 0.39 -9.50
C THR A 98 -8.30 -1.12 -9.41
N VAL A 99 -7.53 -1.53 -8.41
CA VAL A 99 -7.26 -2.94 -8.19
C VAL A 99 -7.99 -3.41 -6.93
N LYS A 100 -8.79 -4.46 -7.05
CA LYS A 100 -9.48 -5.06 -5.91
C LYS A 100 -8.60 -6.05 -5.14
N HIS A 101 -7.51 -5.53 -4.57
CA HIS A 101 -6.65 -6.25 -3.65
C HIS A 101 -6.16 -5.12 -2.76
N ILE A 102 -6.38 -5.21 -1.45
CA ILE A 102 -6.12 -4.08 -0.59
CA ILE A 102 -6.07 -4.09 -0.51
C ILE A 102 -4.65 -3.60 -0.71
N HIS A 103 -4.48 -2.30 -0.87
CA HIS A 103 -3.17 -1.68 -1.10
C HIS A 103 -3.14 -0.37 -0.36
N PHE A 104 -2.13 -0.18 0.44
CA PHE A 104 -1.88 1.09 1.13
C PHE A 104 -0.88 1.90 0.36
N HIS A 105 -1.15 3.16 0.10
CA HIS A 105 -0.20 4.09 -0.47
C HIS A 105 0.58 4.81 0.62
N ILE A 106 1.90 4.88 0.51
CA ILE A 106 2.78 5.71 1.33
C ILE A 106 3.29 6.82 0.42
N LEU A 107 2.95 8.05 0.81
CA LEU A 107 3.29 9.28 0.05
C LEU A 107 4.18 10.17 0.87
N GLY A 108 5.26 10.68 0.27
CA GLY A 108 6.18 11.55 0.99
C GLY A 108 7.19 12.18 0.09
N GLY A 109 8.24 12.70 0.71
CA GLY A 109 9.37 13.29 -0.02
C GLY A 109 9.23 14.78 -0.29
N LYS A 110 8.13 15.36 0.11
CA LYS A 110 7.88 16.81 0.00
C LYS A 110 6.79 17.19 0.97
N LYS A 111 6.57 18.49 1.19
CA LYS A 111 5.42 18.99 1.92
C LYS A 111 4.21 18.73 1.04
N LEU A 112 3.32 17.81 1.45
CA LEU A 112 2.25 17.34 0.58
C LEU A 112 1.08 18.30 0.60
N ALA A 113 0.45 18.50 -0.54
CA ALA A 113 -0.78 19.31 -0.65
C ALA A 113 -1.92 18.75 0.19
N TRP A 114 -2.83 19.60 0.62
CA TRP A 114 -4.13 19.20 1.20
C TRP A 114 -5.18 20.07 0.53
N ASP A 115 -5.68 19.56 -0.59
CA ASP A 115 -6.57 20.33 -1.47
C ASP A 115 -7.97 19.70 -1.52
N LYS A 116 -8.94 20.52 -1.91
CA LYS A 116 -10.29 20.07 -2.15
C LYS A 116 -10.31 18.91 -3.14
N LEU A 117 -11.04 17.86 -2.80
CA LEU A 117 -11.15 16.69 -3.62
C LEU A 117 -12.41 16.67 -4.50
ZN ZN B . -4.94 -10.29 -5.21
S SO4 C . -6.10 2.66 -6.13
O1 SO4 C . -4.86 2.13 -6.63
O2 SO4 C . -5.92 3.17 -4.78
O3 SO4 C . -7.01 1.51 -6.12
O4 SO4 C . -6.62 3.85 -6.84
#